data_1A21
#
_entry.id   1A21
#
_cell.length_a   42.540
_cell.length_b   49.010
_cell.length_c   65.010
_cell.angle_alpha   96.06
_cell.angle_beta   99.11
_cell.angle_gamma   91.14
#
_symmetry.space_group_name_H-M   'P 1'
#
loop_
_entity.id
_entity.type
_entity.pdbx_description
1 polymer 'TISSUE FACTOR'
2 water water
#
_entity_poly.entity_id   1
_entity_poly.type   'polypeptide(L)'
_entity_poly.pdbx_seq_one_letter_code
;ADTTGRAYNLTWKSTNFKTILEWEPKSIDHVYTVQISTRLENWKSKCFLTAETECDLTDEVVKDVGQTYMARVLSYPARN
GNTTGFPEEPPFRNSPEFTPYLDTNLGQPTIQSFEQVGTKLNVTVQDARTLVRRNGTFLSLRAVFGKDLNYTLYYWRASS
TGKKTATTNTNEFLIDVDKGENYCFSVQAVIPSRKRKQRSPESLTECTSREQGRAREMF
;
_entity_poly.pdbx_strand_id   A,B
#
# COMPACT_ATOMS: atom_id res chain seq x y z
N THR A 4 -28.31 20.27 5.80
CA THR A 4 -29.36 19.49 5.07
C THR A 4 -29.31 17.99 5.38
N GLY A 5 -28.15 17.37 5.21
CA GLY A 5 -28.00 15.93 5.46
C GLY A 5 -27.69 15.13 4.19
N ARG A 6 -27.90 15.79 3.03
CA ARG A 6 -27.67 15.22 1.71
C ARG A 6 -26.31 14.58 1.52
N ALA A 7 -26.30 13.46 0.81
CA ALA A 7 -25.08 12.74 0.54
C ALA A 7 -24.36 13.39 -0.67
N TYR A 8 -23.05 13.15 -0.74
CA TYR A 8 -22.21 13.67 -1.83
C TYR A 8 -21.15 12.61 -2.16
N ASN A 9 -20.49 12.79 -3.31
CA ASN A 9 -19.43 11.86 -3.78
C ASN A 9 -20.00 10.50 -4.18
N LEU A 10 -21.17 10.49 -4.84
CA LEU A 10 -21.80 9.24 -5.29
C LEU A 10 -20.98 8.70 -6.45
N THR A 11 -20.36 7.54 -6.25
CA THR A 11 -19.54 6.94 -7.29
C THR A 11 -19.79 5.45 -7.44
N TRP A 12 -19.68 4.95 -8.67
CA TRP A 12 -19.90 3.53 -8.94
C TRP A 12 -18.61 2.71 -8.87
N LYS A 13 -18.68 1.55 -8.25
CA LYS A 13 -17.52 0.66 -8.15
C LYS A 13 -18.00 -0.63 -8.81
N SER A 14 -17.41 -0.96 -9.95
CA SER A 14 -17.81 -2.12 -10.71
C SER A 14 -16.61 -2.80 -11.39
N THR A 15 -16.57 -4.13 -11.30
CA THR A 15 -15.53 -4.96 -11.89
C THR A 15 -16.21 -6.29 -12.19
N ASN A 16 -16.18 -6.70 -13.46
CA ASN A 16 -16.83 -7.95 -13.91
C ASN A 16 -18.34 -8.01 -13.65
N PHE A 17 -18.99 -6.84 -13.64
CA PHE A 17 -20.44 -6.68 -13.41
C PHE A 17 -20.88 -6.65 -11.95
N LYS A 18 -19.94 -6.92 -11.04
CA LYS A 18 -20.19 -6.85 -9.59
C LYS A 18 -20.20 -5.35 -9.37
N THR A 19 -21.38 -4.81 -9.10
CA THR A 19 -21.61 -3.36 -8.97
C THR A 19 -22.12 -2.83 -7.64
N ILE A 20 -21.43 -1.79 -7.15
CA ILE A 20 -21.72 -1.15 -5.88
C ILE A 20 -21.69 0.38 -5.96
N LEU A 21 -22.65 1.02 -5.30
CA LEU A 21 -22.68 2.49 -5.24
C LEU A 21 -22.09 2.87 -3.88
N GLU A 22 -21.26 3.91 -3.86
CA GLU A 22 -20.65 4.38 -2.61
C GLU A 22 -20.85 5.88 -2.51
N TRP A 23 -20.89 6.41 -1.29
CA TRP A 23 -21.06 7.85 -1.12
C TRP A 23 -20.54 8.36 0.22
N GLU A 24 -20.79 9.65 0.48
CA GLU A 24 -20.41 10.28 1.76
C GLU A 24 -21.52 11.21 2.28
N PRO A 25 -21.53 11.54 3.58
CA PRO A 25 -20.58 11.13 4.63
C PRO A 25 -21.06 10.02 5.53
N LYS A 26 -20.13 9.39 6.24
CA LYS A 26 -20.44 8.34 7.20
C LYS A 26 -21.13 9.14 8.31
N SER A 27 -22.32 8.72 8.72
CA SER A 27 -23.04 9.48 9.75
C SER A 27 -23.64 8.65 10.88
N ILE A 28 -23.79 9.30 12.02
CA ILE A 28 -24.38 8.71 13.24
C ILE A 28 -25.76 9.39 13.42
N ASP A 29 -25.92 10.51 12.71
CA ASP A 29 -27.15 11.33 12.71
C ASP A 29 -28.20 10.94 11.64
N HIS A 30 -27.76 10.26 10.58
CA HIS A 30 -28.66 9.89 9.48
C HIS A 30 -28.58 8.45 8.96
N VAL A 31 -29.66 7.99 8.33
CA VAL A 31 -29.72 6.68 7.66
C VAL A 31 -30.08 6.97 6.21
N TYR A 32 -29.76 6.05 5.30
CA TYR A 32 -29.95 6.26 3.86
C TYR A 32 -30.78 5.23 3.09
N THR A 33 -31.60 5.70 2.17
CA THR A 33 -32.38 4.79 1.34
C THR A 33 -31.92 4.96 -0.11
N VAL A 34 -31.64 3.82 -0.75
CA VAL A 34 -31.15 3.81 -2.14
C VAL A 34 -32.15 3.31 -3.18
N GLN A 35 -32.33 4.06 -4.26
CA GLN A 35 -33.24 3.68 -5.35
C GLN A 35 -32.54 3.63 -6.72
N ILE A 36 -33.08 2.82 -7.64
CA ILE A 36 -32.53 2.71 -9.00
C ILE A 36 -33.65 2.88 -10.06
N SER A 37 -33.30 3.36 -11.25
CA SER A 37 -34.30 3.52 -12.31
C SER A 37 -33.65 3.55 -13.68
N THR A 38 -34.45 3.32 -14.71
CA THR A 38 -34.01 3.36 -16.10
C THR A 38 -35.08 4.17 -16.83
N ARG A 39 -34.97 4.27 -18.16
CA ARG A 39 -35.93 5.00 -18.96
C ARG A 39 -37.18 4.14 -19.15
N LEU A 40 -37.09 2.88 -18.74
CA LEU A 40 -38.18 1.90 -18.82
C LEU A 40 -38.86 1.68 -17.47
N GLU A 41 -38.12 1.90 -16.37
CA GLU A 41 -38.66 1.67 -15.02
C GLU A 41 -38.45 2.79 -14.01
N ASN A 42 -39.51 3.08 -13.24
CA ASN A 42 -39.50 4.13 -12.22
C ASN A 42 -38.70 3.76 -10.96
N TRP A 43 -38.31 4.77 -10.16
CA TRP A 43 -37.52 4.54 -8.94
C TRP A 43 -38.06 3.40 -8.12
N LYS A 44 -37.17 2.53 -7.67
CA LYS A 44 -37.56 1.41 -6.85
C LYS A 44 -36.47 1.25 -5.77
N SER A 45 -36.88 1.16 -4.50
CA SER A 45 -35.95 1.01 -3.40
C SER A 45 -35.33 -0.38 -3.32
N LYS A 46 -34.01 -0.42 -3.06
CA LYS A 46 -33.25 -1.65 -2.92
C LYS A 46 -32.69 -1.69 -1.50
N CYS A 47 -31.94 -0.67 -1.10
CA CYS A 47 -31.40 -0.59 0.26
C CYS A 47 -32.38 0.29 1.06
N PHE A 48 -32.90 -0.24 2.17
CA PHE A 48 -33.85 0.48 3.04
C PHE A 48 -33.25 0.94 4.36
N LEU A 49 -33.22 2.25 4.55
CA LEU A 49 -32.73 2.86 5.79
C LEU A 49 -31.44 2.27 6.40
N THR A 50 -30.35 2.28 5.64
CA THR A 50 -29.08 1.77 6.13
C THR A 50 -28.18 2.88 6.68
N ALA A 51 -27.23 2.49 7.50
CA ALA A 51 -26.25 3.42 8.09
C ALA A 51 -24.91 3.26 7.36
N GLU A 52 -24.84 2.27 6.48
CA GLU A 52 -23.65 2.02 5.67
C GLU A 52 -23.51 3.13 4.62
N THR A 53 -22.38 3.19 3.93
CA THR A 53 -22.20 4.19 2.88
C THR A 53 -21.89 3.57 1.53
N GLU A 54 -22.49 2.40 1.30
CA GLU A 54 -22.37 1.67 0.05
C GLU A 54 -23.56 0.72 -0.08
N CYS A 55 -23.99 0.47 -1.33
CA CYS A 55 -25.11 -0.42 -1.59
C CYS A 55 -24.83 -1.26 -2.83
N ASP A 56 -24.95 -2.57 -2.69
CA ASP A 56 -24.72 -3.52 -3.77
C ASP A 56 -25.93 -3.55 -4.68
N LEU A 57 -25.75 -3.15 -5.94
CA LEU A 57 -26.85 -3.12 -6.91
C LEU A 57 -26.72 -4.10 -8.04
N THR A 58 -25.80 -5.04 -7.90
CA THR A 58 -25.55 -6.06 -8.92
C THR A 58 -26.81 -6.73 -9.50
N ASP A 59 -27.71 -7.19 -8.64
CA ASP A 59 -28.89 -7.88 -9.14
C ASP A 59 -29.83 -7.04 -10.00
N GLU A 60 -29.80 -5.74 -9.79
CA GLU A 60 -30.66 -4.87 -10.57
C GLU A 60 -30.04 -4.59 -11.93
N VAL A 61 -28.76 -4.29 -11.98
CA VAL A 61 -28.13 -4.00 -13.25
C VAL A 61 -28.03 -5.18 -14.21
N VAL A 62 -28.04 -6.41 -13.71
CA VAL A 62 -27.95 -7.58 -14.59
C VAL A 62 -29.24 -8.03 -15.27
N LYS A 63 -30.35 -7.39 -14.93
CA LYS A 63 -31.64 -7.70 -15.58
C LYS A 63 -31.40 -7.46 -17.09
N ASP A 64 -30.58 -6.44 -17.39
CA ASP A 64 -30.15 -6.10 -18.74
C ASP A 64 -28.98 -5.13 -18.65
N VAL A 65 -27.76 -5.67 -18.83
CA VAL A 65 -26.54 -4.87 -18.80
C VAL A 65 -26.38 -3.87 -19.96
N GLY A 66 -27.33 -3.85 -20.89
CA GLY A 66 -27.27 -2.92 -22.01
C GLY A 66 -28.01 -1.60 -21.75
N GLN A 67 -28.79 -1.55 -20.68
CA GLN A 67 -29.55 -0.34 -20.32
C GLN A 67 -28.73 0.66 -19.51
N THR A 68 -29.12 1.93 -19.55
CA THR A 68 -28.43 2.97 -18.77
C THR A 68 -29.21 3.16 -17.46
N TYR A 69 -28.52 3.04 -16.32
CA TYR A 69 -29.12 3.16 -14.99
C TYR A 69 -28.69 4.41 -14.18
N MET A 70 -29.56 4.81 -13.25
CA MET A 70 -29.27 5.92 -12.33
C MET A 70 -29.79 5.55 -10.96
N ALA A 71 -29.03 5.90 -9.94
CA ALA A 71 -29.39 5.62 -8.57
C ALA A 71 -29.48 6.97 -7.83
N ARG A 72 -30.08 6.97 -6.63
CA ARG A 72 -30.16 8.16 -5.82
C ARG A 72 -30.16 7.80 -4.34
N VAL A 73 -29.53 8.65 -3.54
CA VAL A 73 -29.49 8.42 -2.11
C VAL A 73 -30.41 9.42 -1.40
N LEU A 74 -31.39 8.88 -0.66
CA LEU A 74 -32.33 9.67 0.13
C LEU A 74 -31.84 9.60 1.59
N SER A 75 -31.87 10.73 2.30
CA SER A 75 -31.42 10.78 3.69
C SER A 75 -32.58 10.98 4.70
N TYR A 76 -32.55 10.25 5.82
CA TYR A 76 -33.61 10.36 6.85
C TYR A 76 -32.97 10.47 8.23
N PRO A 77 -33.42 11.41 9.08
CA PRO A 77 -32.84 11.56 10.44
C PRO A 77 -32.96 10.26 11.25
N ALA A 78 -31.89 9.91 11.97
CA ALA A 78 -31.85 8.69 12.77
C ALA A 78 -32.27 8.84 14.24
N ARG A 79 -32.07 10.04 14.78
CA ARG A 79 -32.42 10.32 16.19
C ARG A 79 -33.11 11.67 16.36
N ASN A 82 -39.58 12.79 14.08
CA ASN A 82 -40.56 13.20 15.13
C ASN A 82 -40.19 14.59 15.71
N THR A 83 -39.48 15.41 14.96
CA THR A 83 -39.10 16.72 15.48
C THR A 83 -40.20 17.82 15.42
N THR A 84 -41.03 17.81 14.36
CA THR A 84 -42.14 18.75 14.17
C THR A 84 -43.33 17.96 13.65
N GLY A 85 -44.45 18.65 13.44
CA GLY A 85 -45.64 18.01 12.89
C GLY A 85 -45.74 18.32 11.40
N PHE A 86 -44.65 18.89 10.87
CA PHE A 86 -44.53 19.24 9.47
C PHE A 86 -43.22 18.61 9.01
N PRO A 87 -43.19 17.27 8.85
CA PRO A 87 -41.95 16.65 8.41
C PRO A 87 -41.55 17.13 7.00
N GLU A 88 -40.25 17.34 6.82
CA GLU A 88 -39.75 17.83 5.55
C GLU A 88 -39.63 16.71 4.52
N GLU A 89 -39.44 17.12 3.27
CA GLU A 89 -39.26 16.19 2.18
C GLU A 89 -37.86 15.62 2.33
N PRO A 90 -37.69 14.30 2.11
CA PRO A 90 -36.33 13.76 2.26
C PRO A 90 -35.34 14.36 1.25
N PRO A 91 -34.14 14.72 1.71
CA PRO A 91 -33.14 15.29 0.80
C PRO A 91 -32.55 14.15 -0.06
N PHE A 92 -32.30 14.40 -1.34
CA PHE A 92 -31.71 13.38 -2.21
C PHE A 92 -30.56 13.83 -3.10
N ARG A 93 -29.78 12.86 -3.55
CA ARG A 93 -28.65 13.11 -4.43
C ARG A 93 -28.66 12.06 -5.54
N ASN A 94 -28.78 12.52 -6.79
CA ASN A 94 -28.80 11.61 -7.94
C ASN A 94 -27.37 11.25 -8.27
N SER A 95 -27.16 10.02 -8.71
CA SER A 95 -25.82 9.56 -9.07
C SER A 95 -25.54 9.85 -10.55
N PRO A 96 -24.30 9.59 -11.00
CA PRO A 96 -24.01 9.82 -12.43
C PRO A 96 -24.70 8.67 -13.18
N GLU A 97 -24.75 8.73 -14.51
CA GLU A 97 -25.34 7.64 -15.27
C GLU A 97 -24.33 6.47 -15.30
N PHE A 98 -24.83 5.25 -15.50
CA PHE A 98 -24.00 4.05 -15.54
C PHE A 98 -24.54 3.01 -16.55
N THR A 99 -23.72 2.65 -17.53
CA THR A 99 -24.13 1.66 -18.54
C THR A 99 -23.19 0.49 -18.31
N PRO A 100 -23.68 -0.55 -17.61
CA PRO A 100 -22.90 -1.75 -17.27
C PRO A 100 -21.92 -2.32 -18.29
N TYR A 101 -22.39 -2.63 -19.48
CA TYR A 101 -21.53 -3.22 -20.50
C TYR A 101 -20.35 -2.35 -20.96
N LEU A 102 -20.42 -1.04 -20.75
CA LEU A 102 -19.34 -0.14 -21.15
C LEU A 102 -18.53 0.37 -19.95
N ASP A 103 -19.22 0.60 -18.83
CA ASP A 103 -18.56 1.14 -17.66
C ASP A 103 -17.91 0.21 -16.66
N THR A 104 -18.29 -1.06 -16.63
CA THR A 104 -17.67 -1.99 -15.67
C THR A 104 -16.18 -2.26 -16.03
N ASN A 105 -15.30 -2.34 -15.01
CA ASN A 105 -13.89 -2.61 -15.26
C ASN A 105 -13.64 -4.10 -15.49
N LEU A 106 -12.70 -4.43 -16.37
CA LEU A 106 -12.37 -5.84 -16.62
C LEU A 106 -11.47 -6.24 -15.47
N GLY A 107 -11.70 -7.42 -14.94
CA GLY A 107 -10.90 -7.87 -13.81
C GLY A 107 -9.66 -8.63 -14.21
N GLN A 108 -8.69 -8.67 -13.29
CA GLN A 108 -7.43 -9.38 -13.53
C GLN A 108 -7.70 -10.84 -13.91
N PRO A 109 -7.19 -11.30 -15.08
CA PRO A 109 -7.41 -12.69 -15.52
C PRO A 109 -6.64 -13.70 -14.66
N THR A 110 -6.81 -14.98 -14.94
CA THR A 110 -6.10 -16.01 -14.18
C THR A 110 -5.70 -17.19 -15.07
N ILE A 111 -4.40 -17.47 -15.09
CA ILE A 111 -3.87 -18.58 -15.86
C ILE A 111 -4.22 -19.82 -15.06
N GLN A 112 -5.18 -20.55 -15.59
CA GLN A 112 -5.70 -21.77 -15.02
C GLN A 112 -4.82 -22.97 -15.37
N SER A 113 -4.09 -22.88 -16.49
CA SER A 113 -3.22 -23.97 -16.91
C SER A 113 -2.26 -23.57 -18.04
N PHE A 114 -1.13 -24.27 -18.13
CA PHE A 114 -0.11 -24.01 -19.15
C PHE A 114 0.83 -25.21 -19.24
N GLU A 115 1.53 -25.33 -20.38
CA GLU A 115 2.50 -26.40 -20.63
C GLU A 115 3.16 -26.27 -22.00
N GLN A 116 4.44 -26.65 -22.05
CA GLN A 116 5.22 -26.58 -23.27
C GLN A 116 5.52 -27.99 -23.80
N VAL A 117 4.87 -28.35 -24.91
CA VAL A 117 5.02 -29.65 -25.57
C VAL A 117 6.16 -29.60 -26.60
N GLY A 118 7.40 -29.50 -26.11
CA GLY A 118 8.55 -29.44 -27.01
C GLY A 118 8.69 -28.08 -27.66
N THR A 119 7.99 -27.88 -28.78
CA THR A 119 8.04 -26.61 -29.48
C THR A 119 6.65 -25.94 -29.42
N LYS A 120 5.78 -26.48 -28.58
CA LYS A 120 4.41 -25.96 -28.43
C LYS A 120 4.02 -25.46 -27.03
N LEU A 121 4.02 -24.14 -26.86
CA LEU A 121 3.62 -23.55 -25.58
C LEU A 121 2.10 -23.38 -25.63
N ASN A 122 1.44 -23.87 -24.59
CA ASN A 122 -0.02 -23.79 -24.48
C ASN A 122 -0.48 -23.21 -23.14
N VAL A 123 -1.35 -22.19 -23.22
CA VAL A 123 -1.88 -21.52 -22.03
C VAL A 123 -3.41 -21.46 -22.06
N THR A 124 -4.01 -21.66 -20.90
CA THR A 124 -5.45 -21.66 -20.76
C THR A 124 -5.90 -20.69 -19.67
N VAL A 125 -6.80 -19.79 -20.07
CA VAL A 125 -7.35 -18.76 -19.21
C VAL A 125 -8.63 -19.25 -18.53
N GLN A 126 -8.67 -19.12 -17.21
CA GLN A 126 -9.82 -19.52 -16.42
C GLN A 126 -11.05 -18.65 -16.81
N ASP A 127 -12.23 -19.28 -16.91
CA ASP A 127 -13.43 -18.55 -17.29
C ASP A 127 -13.96 -17.60 -16.20
N ALA A 128 -13.87 -16.29 -16.46
CA ALA A 128 -14.32 -15.28 -15.53
C ALA A 128 -15.85 -15.23 -15.40
N ARG A 129 -16.32 -15.17 -14.17
CA ARG A 129 -17.74 -15.10 -13.83
C ARG A 129 -17.92 -14.02 -12.76
N THR A 130 -19.16 -13.82 -12.34
CA THR A 130 -19.45 -12.89 -11.26
C THR A 130 -20.60 -13.46 -10.43
N LEU A 131 -20.42 -13.43 -9.11
CA LEU A 131 -21.41 -13.92 -8.16
C LEU A 131 -22.51 -12.86 -8.02
N VAL A 132 -23.71 -13.20 -8.46
CA VAL A 132 -24.85 -12.28 -8.39
C VAL A 132 -25.64 -12.50 -7.12
N THR A 137 -27.83 -16.71 -9.03
CA THR A 137 -26.99 -17.31 -10.13
C THR A 137 -25.74 -16.48 -10.27
N PHE A 138 -24.93 -16.84 -11.28
CA PHE A 138 -23.70 -16.12 -11.58
C PHE A 138 -23.84 -15.59 -13.01
N LEU A 139 -22.98 -14.65 -13.41
CA LEU A 139 -23.02 -14.10 -14.76
C LEU A 139 -21.63 -14.19 -15.38
N SER A 140 -21.51 -14.98 -16.45
CA SER A 140 -20.24 -15.18 -17.18
C SER A 140 -19.87 -14.03 -18.13
N LEU A 141 -18.56 -13.76 -18.21
CA LEU A 141 -18.00 -12.70 -19.06
C LEU A 141 -18.15 -13.02 -20.55
N ARG A 142 -17.99 -14.30 -20.85
CA ARG A 142 -18.12 -14.78 -22.21
C ARG A 142 -19.61 -14.82 -22.62
N ALA A 143 -20.49 -15.12 -21.66
CA ALA A 143 -21.92 -15.17 -21.90
C ALA A 143 -22.49 -13.82 -22.26
N VAL A 144 -21.83 -12.76 -21.80
CA VAL A 144 -22.27 -11.41 -22.07
C VAL A 144 -21.64 -10.84 -23.34
N PHE A 145 -20.31 -10.87 -23.40
CA PHE A 145 -19.53 -10.31 -24.49
C PHE A 145 -19.33 -11.15 -25.76
N GLY A 146 -19.50 -12.47 -25.66
CA GLY A 146 -19.29 -13.30 -26.84
C GLY A 146 -17.95 -13.05 -27.53
N LYS A 147 -17.99 -12.81 -28.83
CA LYS A 147 -16.79 -12.55 -29.60
C LYS A 147 -16.05 -11.25 -29.30
N ASP A 148 -16.69 -10.32 -28.60
CA ASP A 148 -16.05 -9.04 -28.25
C ASP A 148 -14.90 -9.15 -27.24
N LEU A 149 -14.90 -10.22 -26.45
CA LEU A 149 -13.86 -10.44 -25.45
C LEU A 149 -12.67 -11.23 -26.03
N ASN A 150 -11.49 -10.62 -25.93
CA ASN A 150 -10.26 -11.20 -26.42
C ASN A 150 -9.28 -11.20 -25.28
N TYR A 151 -8.18 -11.93 -25.45
CA TYR A 151 -7.08 -12.03 -24.47
C TYR A 151 -5.70 -11.84 -25.15
N THR A 152 -4.79 -11.19 -24.45
CA THR A 152 -3.46 -10.93 -24.97
C THR A 152 -2.48 -11.67 -24.09
N LEU A 153 -1.48 -12.30 -24.71
CA LEU A 153 -0.45 -13.05 -23.98
C LEU A 153 0.86 -12.30 -24.15
N TYR A 154 1.54 -12.07 -23.03
CA TYR A 154 2.83 -11.40 -23.00
C TYR A 154 3.82 -12.51 -22.66
N TYR A 155 4.88 -12.64 -23.45
CA TYR A 155 5.89 -13.68 -23.19
C TYR A 155 7.33 -13.29 -23.56
N TRP A 156 8.24 -13.69 -22.69
CA TRP A 156 9.68 -13.45 -22.78
C TRP A 156 10.41 -14.72 -22.28
N ARG A 157 11.73 -14.80 -22.50
CA ARG A 157 12.53 -15.98 -22.09
C ARG A 157 13.30 -15.84 -20.77
N LYS A 163 9.72 -8.62 -24.62
CA LYS A 163 8.33 -9.14 -24.46
C LYS A 163 7.61 -9.17 -25.81
N LYS A 164 7.14 -10.35 -26.21
CA LYS A 164 6.39 -10.49 -27.47
C LYS A 164 4.91 -10.76 -27.07
N THR A 165 3.96 -10.42 -27.95
CA THR A 165 2.54 -10.60 -27.66
C THR A 165 1.65 -11.36 -28.64
N ALA A 166 0.87 -12.31 -28.12
CA ALA A 166 -0.08 -13.08 -28.92
C ALA A 166 -1.48 -12.60 -28.52
N THR A 167 -2.49 -12.99 -29.31
CA THR A 167 -3.88 -12.60 -29.05
C THR A 167 -4.81 -13.74 -29.44
N THR A 168 -5.97 -13.80 -28.79
CA THR A 168 -6.94 -14.85 -29.08
C THR A 168 -8.38 -14.41 -28.85
N ASN A 169 -9.31 -15.06 -29.55
CA ASN A 169 -10.73 -14.75 -29.43
C ASN A 169 -11.46 -15.71 -28.49
N THR A 170 -10.74 -16.73 -28.04
CA THR A 170 -11.26 -17.73 -27.10
C THR A 170 -10.53 -17.64 -25.74
N ASN A 171 -10.40 -18.75 -25.03
CA ASN A 171 -9.70 -18.75 -23.75
C ASN A 171 -8.42 -19.57 -23.86
N GLU A 172 -8.07 -19.97 -25.09
CA GLU A 172 -6.88 -20.79 -25.33
C GLU A 172 -5.78 -20.13 -26.16
N PHE A 173 -4.54 -20.31 -25.72
CA PHE A 173 -3.37 -19.78 -26.43
C PHE A 173 -2.48 -20.97 -26.82
N LEU A 174 -1.89 -20.93 -28.02
CA LEU A 174 -1.00 -21.99 -28.51
C LEU A 174 0.02 -21.43 -29.49
N ILE A 175 1.13 -20.93 -28.98
CA ILE A 175 2.17 -20.37 -29.84
C ILE A 175 3.40 -21.26 -29.89
N ASP A 176 4.31 -20.95 -30.81
CA ASP A 176 5.53 -21.75 -30.93
C ASP A 176 6.72 -21.20 -30.15
N VAL A 177 7.41 -22.14 -29.50
CA VAL A 177 8.58 -21.89 -28.67
C VAL A 177 9.69 -22.88 -29.02
N ASP A 178 10.92 -22.57 -28.63
CA ASP A 178 12.05 -23.47 -28.88
C ASP A 178 12.24 -24.30 -27.62
N LYS A 179 12.25 -25.62 -27.75
CA LYS A 179 12.43 -26.52 -26.60
C LYS A 179 13.72 -26.20 -25.85
N GLY A 180 13.78 -26.60 -24.59
CA GLY A 180 14.95 -26.35 -23.77
C GLY A 180 14.90 -24.97 -23.16
N GLU A 181 14.28 -24.04 -23.90
CA GLU A 181 14.10 -22.64 -23.49
C GLU A 181 13.07 -22.51 -22.36
N ASN A 182 13.23 -21.47 -21.56
CA ASN A 182 12.32 -21.21 -20.46
C ASN A 182 11.59 -19.89 -20.70
N TYR A 183 10.27 -19.97 -20.73
CA TYR A 183 9.43 -18.79 -20.96
C TYR A 183 8.65 -18.31 -19.74
N CYS A 184 8.41 -17.00 -19.71
CA CYS A 184 7.63 -16.36 -18.67
C CYS A 184 6.60 -15.58 -19.45
N PHE A 185 5.36 -15.61 -18.98
CA PHE A 185 4.26 -14.95 -19.64
C PHE A 185 3.16 -14.54 -18.66
N SER A 186 2.26 -13.70 -19.14
CA SER A 186 1.13 -13.20 -18.36
C SER A 186 0.02 -12.87 -19.36
N VAL A 187 -1.24 -12.98 -18.93
CA VAL A 187 -2.37 -12.67 -19.80
C VAL A 187 -3.14 -11.43 -19.33
N GLN A 188 -3.90 -10.86 -20.25
CA GLN A 188 -4.68 -9.66 -20.01
C GLN A 188 -5.95 -9.70 -20.86
N ALA A 189 -7.08 -9.31 -20.27
CA ALA A 189 -8.38 -9.24 -20.97
C ALA A 189 -8.50 -7.88 -21.70
N VAL A 190 -9.09 -7.91 -22.90
CA VAL A 190 -9.27 -6.70 -23.71
C VAL A 190 -10.57 -6.71 -24.51
N ILE A 191 -11.28 -5.60 -24.51
CA ILE A 191 -12.50 -5.48 -25.31
C ILE A 191 -12.18 -4.29 -26.21
N PRO A 192 -11.60 -4.55 -27.38
CA PRO A 192 -11.20 -3.56 -28.39
C PRO A 192 -12.25 -2.55 -28.87
N SER A 193 -13.54 -2.86 -28.76
CA SER A 193 -14.56 -1.91 -29.20
C SER A 193 -14.78 -0.73 -28.21
N ARG A 194 -14.20 -0.83 -27.02
CA ARG A 194 -14.32 0.23 -26.02
C ARG A 194 -13.38 1.42 -26.28
N LYS A 195 -13.84 2.61 -25.93
CA LYS A 195 -13.06 3.85 -26.12
C LYS A 195 -12.17 4.15 -24.94
N ARG A 196 -12.54 3.63 -23.77
CA ARG A 196 -11.74 3.76 -22.54
C ARG A 196 -12.06 2.50 -21.72
N LYS A 197 -11.22 2.19 -20.74
CA LYS A 197 -11.40 0.96 -19.95
C LYS A 197 -11.30 -0.27 -20.87
N GLN A 198 -10.36 -0.21 -21.81
CA GLN A 198 -10.13 -1.28 -22.77
C GLN A 198 -9.46 -2.52 -22.22
N ARG A 199 -8.56 -2.34 -21.25
CA ARG A 199 -7.80 -3.44 -20.68
C ARG A 199 -7.91 -3.65 -19.19
N SER A 200 -7.58 -4.87 -18.76
CA SER A 200 -7.60 -5.21 -17.35
C SER A 200 -6.15 -5.26 -16.85
N PRO A 201 -5.95 -5.41 -15.53
CA PRO A 201 -4.54 -5.49 -15.08
C PRO A 201 -3.96 -6.83 -15.63
N GLU A 202 -2.63 -6.95 -15.72
CA GLU A 202 -2.03 -8.19 -16.20
C GLU A 202 -2.18 -9.18 -15.09
N SER A 203 -2.29 -10.46 -15.41
CA SER A 203 -2.41 -11.48 -14.36
C SER A 203 -1.03 -11.73 -13.74
N LEU A 204 -1.00 -12.60 -12.72
CA LEU A 204 0.25 -13.01 -12.09
C LEU A 204 1.06 -13.75 -13.17
N THR A 205 2.37 -13.57 -13.14
CA THR A 205 3.24 -14.20 -14.11
C THR A 205 3.49 -15.68 -13.77
N GLU A 206 3.71 -16.48 -14.82
CA GLU A 206 4.00 -17.91 -14.72
C GLU A 206 5.16 -18.17 -15.70
N CYS A 207 6.08 -19.06 -15.33
CA CYS A 207 7.21 -19.41 -16.21
C CYS A 207 7.23 -20.92 -16.35
N THR A 208 7.58 -21.39 -17.55
CA THR A 208 7.65 -22.82 -17.83
C THR A 208 8.54 -23.59 -16.83
N THR B 4 20.95 -27.09 20.63
CA THR B 4 22.32 -26.47 20.57
C THR B 4 22.40 -25.21 21.40
N GLY B 5 21.42 -24.32 21.26
CA GLY B 5 21.44 -23.08 22.01
C GLY B 5 21.93 -21.93 21.15
N ARG B 6 21.84 -22.12 19.84
CA ARG B 6 22.27 -21.11 18.86
C ARG B 6 21.15 -20.08 18.73
N ALA B 7 21.50 -18.80 18.75
CA ALA B 7 20.49 -17.75 18.66
C ALA B 7 19.77 -17.64 17.31
N TYR B 8 18.55 -17.10 17.34
CA TYR B 8 17.80 -16.90 16.11
C TYR B 8 16.95 -15.61 16.15
N ASN B 9 16.42 -15.23 14.99
CA ASN B 9 15.61 -14.03 14.85
C ASN B 9 16.42 -12.76 15.10
N LEU B 10 17.66 -12.74 14.62
CA LEU B 10 18.51 -11.56 14.77
C LEU B 10 17.90 -10.47 13.86
N THR B 11 17.56 -9.33 14.46
CA THR B 11 16.96 -8.23 13.69
C THR B 11 17.52 -6.89 14.13
N TRP B 12 17.60 -5.92 13.23
CA TRP B 12 18.11 -4.60 13.59
C TRP B 12 17.02 -3.58 13.84
N LYS B 13 16.95 -3.05 15.06
CA LYS B 13 15.96 -2.01 15.42
C LYS B 13 16.72 -0.67 15.35
N SER B 14 16.35 0.20 14.41
CA SER B 14 17.08 1.45 14.21
C SER B 14 16.20 2.61 13.78
N THR B 15 16.24 3.72 14.52
CA THR B 15 15.44 4.95 14.25
C THR B 15 16.29 6.23 14.43
N ASN B 16 16.49 7.00 13.38
CA ASN B 16 17.32 8.20 13.47
C ASN B 16 18.75 7.90 13.97
N PHE B 17 19.29 6.77 13.52
CA PHE B 17 20.62 6.31 13.84
C PHE B 17 20.85 5.64 15.18
N LYS B 18 19.83 5.66 16.04
CA LYS B 18 19.87 4.99 17.34
C LYS B 18 19.71 3.48 16.92
N THR B 19 20.74 2.67 17.20
CA THR B 19 20.79 1.28 16.76
C THR B 19 21.05 0.22 17.81
N ILE B 20 20.22 -0.82 17.75
CA ILE B 20 20.24 -1.96 18.68
C ILE B 20 19.98 -3.28 17.92
N LEU B 21 20.70 -4.33 18.30
CA LEU B 21 20.48 -5.64 17.72
C LEU B 21 19.68 -6.45 18.73
N GLU B 22 18.70 -7.21 18.26
CA GLU B 22 17.87 -8.06 19.11
C GLU B 22 17.84 -9.48 18.58
N TRP B 23 17.74 -10.45 19.49
CA TRP B 23 17.71 -11.86 19.09
C TRP B 23 16.92 -12.72 20.09
N GLU B 24 16.85 -14.01 19.82
CA GLU B 24 16.19 -14.97 20.69
C GLU B 24 17.11 -16.19 20.83
N PRO B 25 16.94 -17.00 21.89
CA PRO B 25 15.94 -16.85 22.96
C PRO B 25 16.47 -16.33 24.29
N LYS B 26 15.53 -16.04 25.18
CA LYS B 26 15.84 -15.59 26.53
C LYS B 26 15.98 -16.91 27.28
N SER B 27 17.14 -17.15 27.90
CA SER B 27 17.32 -18.40 28.63
C SER B 27 18.15 -18.26 29.89
N ILE B 28 17.76 -19.01 30.91
CA ILE B 28 18.46 -18.95 32.16
C ILE B 28 19.80 -19.71 32.11
N ASP B 29 19.98 -20.58 31.11
CA ASP B 29 21.22 -21.37 31.00
C ASP B 29 22.27 -20.95 29.97
N HIS B 30 22.13 -19.75 29.41
CA HIS B 30 23.07 -19.24 28.42
C HIS B 30 23.37 -17.75 28.54
N VAL B 31 24.60 -17.39 28.21
CA VAL B 31 25.02 -16.00 28.16
C VAL B 31 25.50 -15.77 26.72
N TYR B 32 25.50 -14.53 26.28
CA TYR B 32 25.85 -14.19 24.92
C TYR B 32 26.91 -13.11 24.81
N THR B 33 27.66 -13.14 23.70
CA THR B 33 28.67 -12.13 23.40
C THR B 33 28.32 -11.66 21.99
N VAL B 34 28.34 -10.35 21.78
CA VAL B 34 28.00 -9.80 20.49
C VAL B 34 29.23 -9.10 19.96
N GLN B 35 29.65 -9.49 18.76
CA GLN B 35 30.79 -8.84 18.10
C GLN B 35 30.26 -8.20 16.81
N ILE B 36 31.00 -7.22 16.30
CA ILE B 36 30.64 -6.52 15.07
C ILE B 36 31.91 -6.38 14.20
N SER B 37 31.75 -6.35 12.88
CA SER B 37 32.91 -6.18 11.98
C SER B 37 32.48 -5.40 10.76
N THR B 38 33.46 -4.99 9.99
CA THR B 38 33.25 -4.30 8.71
C THR B 38 34.34 -4.95 7.83
N ARG B 39 34.41 -4.66 6.53
CA ARG B 39 35.46 -5.27 5.75
C ARG B 39 36.84 -4.67 6.05
N LEU B 40 36.89 -3.62 6.86
CA LEU B 40 38.13 -2.95 7.26
C LEU B 40 38.43 -3.25 8.72
N GLU B 41 37.43 -3.67 9.50
CA GLU B 41 37.63 -3.96 10.92
C GLU B 41 37.36 -5.42 11.19
N ASN B 42 38.22 -6.03 11.99
CA ASN B 42 38.07 -7.44 12.36
C ASN B 42 37.03 -7.54 13.45
N TRP B 43 36.38 -8.69 13.57
CA TRP B 43 35.35 -8.91 14.58
C TRP B 43 35.75 -8.26 15.93
N LYS B 44 34.84 -7.50 16.54
CA LYS B 44 35.14 -6.84 17.83
C LYS B 44 34.00 -7.01 18.82
N SER B 45 34.33 -7.33 20.08
CA SER B 45 33.35 -7.56 21.14
C SER B 45 32.85 -6.28 21.76
N LYS B 46 31.53 -6.19 21.90
CA LYS B 46 30.86 -5.01 22.46
C LYS B 46 30.02 -5.36 23.68
N CYS B 47 29.26 -6.46 23.63
CA CYS B 47 28.47 -6.90 24.78
C CYS B 47 29.18 -8.22 25.14
N PHE B 48 29.71 -8.31 26.36
CA PHE B 48 30.44 -9.50 26.83
C PHE B 48 29.70 -10.38 27.82
N LEU B 49 29.47 -11.62 27.42
CA LEU B 49 28.81 -12.62 28.24
C LEU B 49 27.65 -12.08 29.06
N THR B 50 26.64 -11.54 28.38
CA THR B 50 25.50 -10.96 29.07
C THR B 50 24.29 -11.90 29.01
N ALA B 51 23.34 -11.71 29.92
CA ALA B 51 22.12 -12.51 29.98
C ALA B 51 21.01 -11.81 29.18
N GLU B 52 21.26 -10.56 28.82
CA GLU B 52 20.32 -9.72 28.06
C GLU B 52 20.25 -10.19 26.60
N THR B 53 19.10 -10.02 25.95
CA THR B 53 18.96 -10.39 24.53
C THR B 53 18.87 -9.15 23.59
N GLU B 54 19.59 -8.08 23.95
CA GLU B 54 19.68 -6.90 23.13
C GLU B 54 21.01 -6.17 23.40
N CYS B 55 21.57 -5.59 22.34
CA CYS B 55 22.86 -4.92 22.47
C CYS B 55 22.92 -3.59 21.71
N ASP B 56 23.05 -2.47 22.40
CA ASP B 56 23.12 -1.17 21.74
C ASP B 56 24.46 -1.02 21.01
N LEU B 57 24.38 -0.81 19.69
CA LEU B 57 25.58 -0.65 18.86
C LEU B 57 25.71 0.74 18.23
N THR B 58 24.91 1.69 18.71
CA THR B 58 24.92 3.09 18.25
C THR B 58 26.32 3.74 18.23
N ASP B 59 27.08 3.61 19.30
CA ASP B 59 28.42 4.24 19.36
C ASP B 59 29.37 3.80 18.26
N GLU B 60 29.20 2.57 17.79
CA GLU B 60 30.03 1.98 16.76
C GLU B 60 29.60 2.36 15.34
N VAL B 61 28.31 2.19 15.04
CA VAL B 61 27.78 2.49 13.72
C VAL B 61 27.84 3.97 13.32
N VAL B 62 27.72 4.89 14.28
CA VAL B 62 27.77 6.32 13.94
C VAL B 62 29.15 6.85 13.67
N LYS B 63 30.17 6.01 13.84
CA LYS B 63 31.56 6.41 13.56
C LYS B 63 31.75 6.54 12.04
N ASP B 64 30.91 5.86 11.27
CA ASP B 64 30.96 5.94 9.82
C ASP B 64 29.61 5.41 9.29
N VAL B 65 28.63 6.30 9.14
CA VAL B 65 27.29 5.90 8.69
C VAL B 65 27.22 5.39 7.26
N GLY B 66 28.34 5.51 6.54
CA GLY B 66 28.38 5.05 5.16
C GLY B 66 28.88 3.63 5.01
N GLN B 67 29.40 3.06 6.09
CA GLN B 67 29.95 1.71 6.08
C GLN B 67 28.87 0.64 6.29
N THR B 68 29.13 -0.59 5.81
CA THR B 68 28.22 -1.76 5.98
C THR B 68 28.82 -2.62 7.12
N TYR B 69 27.97 -2.96 8.10
CA TYR B 69 28.36 -3.71 9.27
C TYR B 69 27.64 -5.06 9.36
N MET B 70 28.26 -5.99 10.07
CA MET B 70 27.66 -7.27 10.34
C MET B 70 27.98 -7.60 11.79
N ALA B 71 27.01 -8.19 12.50
CA ALA B 71 27.19 -8.58 13.88
C ALA B 71 27.00 -10.11 13.97
N ARG B 72 27.43 -10.70 15.07
CA ARG B 72 27.20 -12.14 15.33
C ARG B 72 26.91 -12.40 16.83
N VAL B 73 26.07 -13.37 17.11
CA VAL B 73 25.77 -13.72 18.50
C VAL B 73 26.44 -15.06 18.86
N LEU B 74 27.30 -15.05 19.86
CA LEU B 74 28.00 -16.24 20.33
C LEU B 74 27.29 -16.70 21.58
N SER B 75 27.04 -18.00 21.69
CA SER B 75 26.39 -18.60 22.86
C SER B 75 27.39 -19.33 23.79
N TYR B 76 27.26 -19.10 25.09
CA TYR B 76 28.09 -19.75 26.10
C TYR B 76 27.16 -20.17 27.23
N PRO B 77 27.55 -21.19 28.00
CA PRO B 77 26.68 -21.62 29.12
C PRO B 77 26.79 -20.61 30.26
N ALA B 78 25.76 -20.55 31.12
CA ALA B 78 25.74 -19.62 32.27
C ALA B 78 26.76 -19.94 33.39
N ASN B 82 33.79 -27.44 33.36
CA ASN B 82 33.30 -28.23 34.52
C ASN B 82 32.51 -29.49 34.07
N THR B 83 32.66 -29.86 32.78
CA THR B 83 31.98 -31.05 32.24
C THR B 83 32.97 -31.99 31.54
N THR B 84 33.90 -31.39 30.79
CA THR B 84 34.98 -32.07 30.06
C THR B 84 36.09 -31.03 29.97
N GLY B 85 37.33 -31.51 29.81
CA GLY B 85 38.47 -30.62 29.67
C GLY B 85 38.59 -30.21 28.20
N PHE B 86 37.73 -30.82 27.37
CA PHE B 86 37.65 -30.62 25.92
C PHE B 86 36.25 -30.07 25.53
N PRO B 87 35.99 -28.75 25.74
CA PRO B 87 34.69 -28.18 25.39
C PRO B 87 34.45 -27.92 23.90
N GLU B 88 33.19 -28.05 23.51
CA GLU B 88 32.75 -27.84 22.13
C GLU B 88 32.73 -26.37 21.76
N GLU B 89 32.94 -26.07 20.48
CA GLU B 89 32.96 -24.68 20.00
C GLU B 89 31.62 -23.97 20.23
N PRO B 90 31.67 -22.66 20.54
CA PRO B 90 30.47 -21.85 20.79
C PRO B 90 29.62 -21.67 19.54
N PRO B 91 28.32 -22.00 19.61
CA PRO B 91 27.48 -21.82 18.43
C PRO B 91 27.50 -20.32 18.10
N PHE B 92 27.29 -19.98 16.83
CA PHE B 92 27.29 -18.60 16.40
C PHE B 92 26.11 -18.43 15.44
N ARG B 93 25.81 -17.19 15.12
CA ARG B 93 24.72 -16.84 14.22
C ARG B 93 25.04 -15.43 13.68
N ASN B 94 25.25 -15.31 12.37
CA ASN B 94 25.55 -14.02 11.76
C ASN B 94 24.28 -13.21 11.57
N SER B 95 24.39 -11.90 11.71
CA SER B 95 23.23 -11.02 11.53
C SER B 95 23.09 -10.58 10.06
N PRO B 96 21.94 -9.94 9.70
CA PRO B 96 21.80 -9.47 8.33
C PRO B 96 22.84 -8.31 8.20
N GLU B 97 23.30 -7.97 7.01
CA GLU B 97 24.23 -6.84 6.88
C GLU B 97 23.46 -5.59 7.24
N PHE B 98 24.15 -4.52 7.62
CA PHE B 98 23.50 -3.26 8.02
C PHE B 98 24.26 -2.03 7.56
N THR B 99 23.60 -1.15 6.81
CA THR B 99 24.22 0.10 6.34
C THR B 99 23.33 1.19 6.93
N PRO B 100 23.80 1.93 7.95
CA PRO B 100 23.06 3.01 8.64
C PRO B 100 22.34 4.04 7.78
N TYR B 101 23.09 4.64 6.86
CA TYR B 101 22.60 5.64 5.93
C TYR B 101 21.37 5.15 5.16
N LEU B 102 21.35 3.87 4.79
CA LEU B 102 20.24 3.29 4.04
C LEU B 102 19.17 2.54 4.82
N ASP B 103 19.51 2.04 6.00
CA ASP B 103 18.58 1.21 6.78
C ASP B 103 17.94 1.77 8.04
N THR B 104 18.45 2.88 8.56
CA THR B 104 17.81 3.45 9.75
C THR B 104 16.45 4.06 9.36
N ASN B 105 15.42 3.83 10.16
CA ASN B 105 14.09 4.40 9.91
C ASN B 105 14.11 5.91 10.25
N LEU B 106 13.37 6.70 9.49
CA LEU B 106 13.30 8.16 9.73
C LEU B 106 12.25 8.36 10.83
N GLY B 107 12.56 9.22 11.81
CA GLY B 107 11.63 9.47 12.92
C GLY B 107 10.57 10.50 12.60
N GLN B 108 9.43 10.45 13.30
CA GLN B 108 8.28 11.35 13.16
C GLN B 108 8.73 12.81 13.27
N PRO B 109 8.39 13.64 12.27
CA PRO B 109 8.78 15.07 12.31
C PRO B 109 7.93 15.83 13.30
N THR B 110 8.28 17.10 13.46
CA THR B 110 7.56 18.01 14.33
C THR B 110 7.32 19.37 13.60
N ILE B 111 6.06 19.80 13.56
CA ILE B 111 5.68 21.08 12.96
C ILE B 111 6.06 22.23 13.91
N GLN B 112 6.97 23.11 13.45
CA GLN B 112 7.43 24.25 14.23
C GLN B 112 6.44 25.45 14.27
N SER B 113 5.87 25.76 13.12
CA SER B 113 4.90 26.85 12.98
C SER B 113 4.12 26.77 11.66
N PHE B 114 3.05 27.57 11.60
CA PHE B 114 2.17 27.69 10.44
C PHE B 114 1.36 28.97 10.50
N GLU B 115 0.73 29.29 9.38
CA GLU B 115 -0.12 30.47 9.26
C GLU B 115 -0.66 30.62 7.83
N GLN B 116 -1.92 30.99 7.74
CA GLN B 116 -2.59 31.15 6.45
C GLN B 116 -2.90 32.62 6.22
N VAL B 117 -2.27 33.20 5.20
CA VAL B 117 -2.53 34.59 4.86
C VAL B 117 -3.11 34.77 3.45
N GLY B 118 -4.41 34.97 3.40
CA GLY B 118 -5.12 35.17 2.16
C GLY B 118 -5.21 33.90 1.33
N THR B 119 -4.43 33.90 0.26
CA THR B 119 -4.35 32.81 -0.71
C THR B 119 -3.13 31.89 -0.45
N LYS B 120 -2.35 32.22 0.57
CA LYS B 120 -1.15 31.44 0.92
C LYS B 120 -1.20 30.71 2.25
N LEU B 121 -0.65 29.49 2.28
CA LEU B 121 -0.55 28.73 3.52
C LEU B 121 0.94 28.44 3.71
N ASN B 122 1.49 28.79 4.87
CA ASN B 122 2.91 28.52 5.15
C ASN B 122 3.10 27.56 6.32
N VAL B 123 3.99 26.57 6.14
CA VAL B 123 4.27 25.61 7.19
C VAL B 123 5.76 25.42 7.29
N THR B 124 6.25 25.38 8.53
CA THR B 124 7.66 25.17 8.83
C THR B 124 7.86 23.94 9.74
N VAL B 125 8.80 23.08 9.36
CA VAL B 125 9.13 21.88 10.13
C VAL B 125 10.35 22.18 11.01
N GLN B 126 10.34 21.73 12.26
CA GLN B 126 11.46 21.96 13.18
C GLN B 126 12.73 21.23 12.69
N ASP B 127 13.90 21.88 12.80
CA ASP B 127 15.17 21.26 12.37
C ASP B 127 15.44 20.06 13.28
N ALA B 128 15.37 18.86 12.71
CA ALA B 128 15.58 17.62 13.47
C ALA B 128 17.02 17.25 13.75
N ARG B 129 17.23 16.66 14.93
CA ARG B 129 18.55 16.17 15.41
C ARG B 129 18.64 14.64 15.44
N THR B 130 19.80 14.09 15.08
CA THR B 130 20.02 12.64 15.06
C THR B 130 20.89 12.19 16.24
N LEU B 131 21.15 10.89 16.33
CA LEU B 131 22.00 10.33 17.39
C LEU B 131 23.48 10.26 16.97
N VAL B 132 23.79 10.79 15.79
CA VAL B 132 25.16 10.80 15.31
C VAL B 132 26.00 11.81 16.11
N ARG B 133 27.12 11.33 16.63
CA ARG B 133 28.00 12.17 17.41
C ARG B 133 29.44 11.98 16.94
N ARG B 134 30.13 13.06 16.63
CA ARG B 134 31.52 12.91 16.24
C ARG B 134 32.33 13.37 17.47
N ASN B 135 31.67 13.23 18.64
CA ASN B 135 32.13 13.52 20.00
C ASN B 135 31.27 14.39 20.91
N GLY B 136 31.26 15.70 20.71
CA GLY B 136 30.43 16.54 21.57
C GLY B 136 28.98 16.71 21.17
N THR B 137 28.76 17.42 20.07
CA THR B 137 27.43 17.72 19.55
C THR B 137 26.70 16.69 18.67
N PHE B 138 25.38 16.67 18.80
CA PHE B 138 24.54 15.81 18.00
C PHE B 138 24.31 16.59 16.73
N LEU B 139 24.68 15.99 15.60
CA LEU B 139 24.52 16.66 14.29
C LEU B 139 23.08 16.49 13.76
N SER B 140 22.61 17.43 12.97
CA SER B 140 21.26 17.34 12.44
C SER B 140 21.04 16.34 11.32
N LEU B 141 19.77 16.03 11.10
CA LEU B 141 19.35 15.13 10.03
C LEU B 141 19.74 15.80 8.69
N ARG B 142 19.58 17.12 8.60
CA ARG B 142 19.97 17.85 7.40
C ARG B 142 21.51 17.78 7.20
N ALA B 143 22.28 17.68 8.28
CA ALA B 143 23.75 17.60 8.17
C ALA B 143 24.23 16.27 7.61
N VAL B 144 23.50 15.19 7.89
CA VAL B 144 23.84 13.87 7.38
C VAL B 144 23.34 13.66 5.95
N PHE B 145 22.06 13.94 5.71
CA PHE B 145 21.46 13.74 4.39
C PHE B 145 21.57 14.85 3.35
N GLY B 146 21.84 16.08 3.76
CA GLY B 146 21.96 17.17 2.80
C GLY B 146 20.73 17.30 1.92
N LYS B 147 20.94 17.39 0.61
CA LYS B 147 19.90 17.53 -0.42
C LYS B 147 18.99 16.30 -0.56
N ASP B 148 19.44 15.15 -0.08
CA ASP B 148 18.68 13.90 -0.12
C ASP B 148 17.37 13.95 0.67
N LEU B 149 17.40 14.69 1.78
CA LEU B 149 16.25 14.81 2.67
C LEU B 149 15.19 15.74 2.14
N ASN B 150 13.94 15.27 2.05
CA ASN B 150 12.79 16.10 1.61
C ASN B 150 11.62 15.94 2.58
N TYR B 151 10.56 16.71 2.36
CA TYR B 151 9.36 16.65 3.19
C TYR B 151 8.09 16.76 2.33
N THR B 152 7.04 16.02 2.72
CA THR B 152 5.74 16.00 2.05
C THR B 152 4.73 16.56 3.04
N LEU B 153 3.79 17.36 2.54
CA LEU B 153 2.70 17.93 3.34
C LEU B 153 1.35 17.29 2.90
N TYR B 154 0.55 16.82 3.84
CA TYR B 154 -0.74 16.24 3.52
C TYR B 154 -1.70 17.33 3.94
N TYR B 155 -2.52 17.85 3.00
CA TYR B 155 -3.48 18.89 3.36
C TYR B 155 -4.88 18.71 2.80
N TRP B 156 -5.85 19.19 3.58
CA TRP B 156 -7.25 19.09 3.26
C TRP B 156 -8.06 20.17 4.01
N ARG B 157 -9.30 20.40 3.60
CA ARG B 157 -10.18 21.39 4.25
C ARG B 157 -10.84 20.73 5.48
N LYS B 163 -7.80 14.53 0.15
CA LYS B 163 -6.41 14.86 0.58
C LYS B 163 -5.52 15.10 -0.63
N LYS B 164 -4.79 16.22 -0.62
CA LYS B 164 -3.84 16.56 -1.69
C LYS B 164 -2.49 16.65 -1.00
N THR B 165 -1.41 16.66 -1.77
CA THR B 165 -0.08 16.73 -1.19
C THR B 165 0.82 17.75 -1.89
N ALA B 166 1.89 18.16 -1.19
CA ALA B 166 2.90 19.10 -1.71
C ALA B 166 4.25 18.55 -1.22
N THR B 167 5.34 19.01 -1.82
CA THR B 167 6.67 18.54 -1.45
C THR B 167 7.67 19.69 -1.38
N THR B 168 8.76 19.53 -0.64
CA THR B 168 9.78 20.58 -0.56
C THR B 168 11.13 19.95 -0.31
N ASN B 169 12.18 20.67 -0.69
CA ASN B 169 13.54 20.19 -0.47
C ASN B 169 14.18 20.85 0.75
N THR B 170 13.51 21.87 1.30
CA THR B 170 14.00 22.56 2.50
C THR B 170 13.08 22.14 3.67
N ASN B 171 12.93 23.03 4.65
CA ASN B 171 12.05 22.78 5.81
C ASN B 171 10.76 23.62 5.79
N GLU B 172 10.52 24.35 4.70
CA GLU B 172 9.34 25.22 4.58
C GLU B 172 8.46 24.90 3.37
N PHE B 173 7.15 25.07 3.56
CA PHE B 173 6.16 24.88 2.50
C PHE B 173 5.43 26.21 2.35
N LEU B 174 5.25 26.64 1.11
CA LEU B 174 4.52 27.87 0.76
C LEU B 174 3.65 27.46 -0.42
N ILE B 175 2.37 27.20 -0.16
CA ILE B 175 1.45 26.76 -1.20
C ILE B 175 0.22 27.65 -1.32
N ASP B 176 -0.44 27.55 -2.48
CA ASP B 176 -1.65 28.31 -2.79
C ASP B 176 -2.91 27.57 -2.30
N VAL B 177 -3.77 28.29 -1.60
CA VAL B 177 -5.02 27.75 -1.07
C VAL B 177 -6.15 28.75 -1.29
N ASP B 178 -7.38 28.29 -1.07
CA ASP B 178 -8.55 29.13 -1.24
C ASP B 178 -8.75 30.00 0.00
N LYS B 179 -8.91 31.30 -0.21
CA LYS B 179 -9.11 32.26 0.88
C LYS B 179 -10.38 32.00 1.71
N GLY B 180 -10.31 32.29 3.01
CA GLY B 180 -11.46 32.09 3.87
C GLY B 180 -11.83 30.64 4.14
N GLU B 181 -11.09 29.72 3.52
CA GLU B 181 -11.29 28.27 3.68
C GLU B 181 -10.29 27.81 4.75
N ASN B 182 -10.77 27.09 5.77
CA ASN B 182 -9.89 26.59 6.82
C ASN B 182 -9.23 25.20 6.52
N TYR B 183 -7.95 25.02 6.87
CA TYR B 183 -7.22 23.78 6.58
C TYR B 183 -6.67 22.96 7.75
N CYS B 184 -6.44 21.69 7.48
CA CYS B 184 -5.84 20.75 8.44
C CYS B 184 -4.76 19.98 7.68
N PHE B 185 -3.66 19.67 8.36
CA PHE B 185 -2.53 19.00 7.71
C PHE B 185 -1.56 18.28 8.67
N SER B 186 -0.62 17.56 8.07
CA SER B 186 0.42 16.84 8.79
C SER B 186 1.62 16.79 7.82
N VAL B 187 2.84 16.57 8.32
CA VAL B 187 3.99 16.47 7.42
C VAL B 187 4.67 15.12 7.53
N GLN B 188 5.59 14.84 6.60
CA GLN B 188 6.28 13.57 6.59
C GLN B 188 7.65 13.73 5.97
N ALA B 189 8.66 13.11 6.57
CA ALA B 189 10.04 13.14 6.08
C ALA B 189 10.17 12.09 4.97
N VAL B 190 10.83 12.42 3.87
CA VAL B 190 10.98 11.49 2.74
C VAL B 190 12.38 11.52 2.10
N ILE B 191 12.96 10.34 1.87
CA ILE B 191 14.24 10.30 1.16
C ILE B 191 13.89 9.50 -0.09
N PRO B 192 13.53 10.22 -1.17
CA PRO B 192 13.15 9.65 -2.47
C PRO B 192 14.13 8.67 -3.13
N SER B 193 15.41 8.80 -2.81
CA SER B 193 16.42 7.89 -3.35
C SER B 193 16.40 6.44 -2.79
N ARG B 194 15.90 6.25 -1.59
CA ARG B 194 15.86 4.90 -1.01
C ARG B 194 14.89 4.00 -1.79
N LYS B 195 15.03 2.68 -1.67
CA LYS B 195 14.13 1.75 -2.38
C LYS B 195 13.06 1.21 -1.42
N ARG B 196 13.35 1.27 -0.12
CA ARG B 196 12.42 0.84 0.92
C ARG B 196 12.73 1.72 2.14
N LYS B 197 11.79 1.83 3.10
CA LYS B 197 11.93 2.68 4.29
C LYS B 197 12.10 4.16 3.86
N GLN B 198 11.41 4.54 2.80
CA GLN B 198 11.50 5.88 2.25
C GLN B 198 10.83 7.00 3.04
N ARG B 199 9.81 6.63 3.81
CA ARG B 199 9.05 7.61 4.58
C ARG B 199 9.03 7.36 6.06
N SER B 200 8.79 8.42 6.82
CA SER B 200 8.68 8.33 8.27
C SER B 200 7.20 8.34 8.61
N PRO B 201 6.86 8.16 9.89
CA PRO B 201 5.43 8.20 10.21
C PRO B 201 5.02 9.70 10.04
N GLU B 202 3.73 9.96 9.91
CA GLU B 202 3.21 11.33 9.78
C GLU B 202 3.20 12.00 11.15
N SER B 203 3.34 13.32 11.15
CA SER B 203 3.34 14.06 12.40
C SER B 203 1.92 14.19 12.90
N LEU B 204 1.77 14.80 14.08
CA LEU B 204 0.46 15.08 14.63
C LEU B 204 -0.19 16.07 13.65
N THR B 205 -1.51 16.10 13.61
CA THR B 205 -2.26 16.99 12.74
C THR B 205 -2.49 18.39 13.36
N GLU B 206 -2.43 19.43 12.52
CA GLU B 206 -2.64 20.81 12.96
C GLU B 206 -3.70 21.41 12.05
N CYS B 207 -4.34 22.48 12.50
CA CYS B 207 -5.37 23.14 11.71
C CYS B 207 -5.24 24.66 11.84
N THR B 208 -5.49 25.36 10.75
CA THR B 208 -5.40 26.83 10.76
C THR B 208 -6.64 27.47 11.41
#